data_4LGO
#
_entry.id   4LGO
#
_cell.length_a   120.030
_cell.length_b   37.110
_cell.length_c   109.780
_cell.angle_alpha   90.000
_cell.angle_beta   119.430
_cell.angle_gamma   90.000
#
_symmetry.space_group_name_H-M   'C 1 2 1'
#
loop_
_entity.id
_entity.type
_entity.pdbx_description
1 polymer VompD
2 non-polymer 1,2-ETHANEDIOL
3 water water
#
_entity_poly.entity_id   1
_entity_poly.type   'polypeptide(L)'
_entity_poly.pdbx_seq_one_letter_code
;MAHHHHHHMKAMKDLVVGAWKLVVNDENPIDVNAGSTVKFVGVKAEEGNEDSKNIKITTGNNNEVKFDLNDIIRVKRVIA
GKANVSEVGFVITGGPNMTVGGINAGNKKITGVANGIRENDAVNVSQLNELKNQIA
;
_entity_poly.pdbx_strand_id   A,B,C
#
# COMPACT_ATOMS: atom_id res chain seq x y z
N VAL A 17 38.23 19.71 3.18
CA VAL A 17 37.04 19.98 2.33
C VAL A 17 36.59 21.42 2.50
N GLY A 18 36.12 22.03 1.41
CA GLY A 18 35.52 23.36 1.47
C GLY A 18 34.23 23.38 2.27
N ALA A 19 33.87 24.55 2.79
CA ALA A 19 32.56 24.72 3.46
C ALA A 19 31.45 24.72 2.41
N TRP A 20 30.36 23.99 2.67
CA TRP A 20 29.32 23.89 1.68
C TRP A 20 27.99 24.06 2.39
N LYS A 21 26.90 24.12 1.64
CA LYS A 21 25.56 24.30 2.22
C LYS A 21 24.58 23.24 1.73
N LEU A 22 23.69 22.84 2.63
CA LEU A 22 22.66 21.85 2.32
C LEU A 22 21.28 22.48 2.46
N VAL A 23 20.53 22.47 1.36
CA VAL A 23 19.19 23.09 1.34
C VAL A 23 18.17 21.99 1.12
N VAL A 24 17.28 21.82 2.09
CA VAL A 24 16.28 20.76 2.06
C VAL A 24 14.90 21.36 1.73
N ASN A 25 14.35 21.05 0.56
CA ASN A 25 13.06 21.61 0.12
C ASN A 25 12.98 23.12 0.38
N ASP A 26 14.01 23.84 -0.05
CA ASP A 26 14.01 25.31 0.13
C ASP A 26 13.91 25.86 1.58
N GLU A 27 14.23 25.02 2.56
CA GLU A 27 14.56 25.50 3.88
C GLU A 27 15.83 26.36 3.83
N ASN A 28 15.99 27.20 4.85
CA ASN A 28 17.19 28.01 5.04
C ASN A 28 18.40 27.05 4.99
N PRO A 29 19.53 27.46 4.42
CA PRO A 29 20.67 26.51 4.31
C PRO A 29 21.24 26.04 5.63
N ILE A 30 21.71 24.78 5.58
CA ILE A 30 22.53 24.25 6.65
C ILE A 30 23.98 24.37 6.22
N ASP A 31 24.75 25.21 6.92
CA ASP A 31 26.17 25.36 6.61
C ASP A 31 26.98 24.23 7.22
N VAL A 32 27.77 23.58 6.37
CA VAL A 32 28.61 22.46 6.79
C VAL A 32 30.11 22.84 6.64
N ASN A 33 30.82 22.86 7.77
CA ASN A 33 32.23 23.26 7.77
C ASN A 33 33.13 22.03 7.96
N ALA A 34 34.43 22.22 7.77
CA ALA A 34 35.36 21.17 8.19
C ALA A 34 35.12 20.94 9.67
N GLY A 35 35.04 19.69 10.08
CA GLY A 35 34.75 19.37 11.48
C GLY A 35 33.28 19.20 11.82
N SER A 36 32.39 19.56 10.88
CA SER A 36 30.95 19.44 11.12
C SER A 36 30.49 17.99 11.03
N THR A 37 29.41 17.66 11.75
CA THR A 37 28.69 16.40 11.57
C THR A 37 27.29 16.67 10.98
N VAL A 38 26.98 15.99 9.88
CA VAL A 38 25.66 16.00 9.24
C VAL A 38 24.98 14.69 9.60
N LYS A 39 23.75 14.76 10.13
CA LYS A 39 22.98 13.55 10.46
C LYS A 39 21.83 13.35 9.51
N PHE A 40 21.66 12.13 9.03
CA PHE A 40 20.45 11.72 8.34
C PHE A 40 19.74 10.73 9.24
N VAL A 41 18.42 10.90 9.37
CA VAL A 41 17.66 10.02 10.22
C VAL A 41 16.35 9.61 9.57
N GLY A 42 15.98 8.35 9.73
CA GLY A 42 14.65 7.90 9.36
C GLY A 42 13.73 8.15 10.54
N VAL A 43 12.60 8.79 10.29
CA VAL A 43 11.63 9.11 11.31
C VAL A 43 10.80 7.89 11.67
N LYS A 44 10.56 7.67 12.96
CA LYS A 44 9.69 6.60 13.37
C LYS A 44 8.22 6.90 13.11
N ALA A 45 7.50 5.96 12.48
CA ALA A 45 6.06 6.14 12.22
C ALA A 45 5.29 5.96 13.53
N GLU A 46 5.80 5.09 14.40
CA GLU A 46 5.16 4.81 15.69
C GLU A 46 6.11 5.22 16.81
N GLU A 47 5.72 6.25 17.57
CA GLU A 47 6.52 6.89 18.64
C GLU A 47 7.62 6.07 19.32
N GLY A 48 7.24 4.93 19.87
CA GLY A 48 8.16 4.13 20.69
C GLY A 48 8.76 2.91 20.01
N ASN A 49 8.43 2.71 18.72
CA ASN A 49 8.80 1.51 17.98
C ASN A 49 9.97 1.84 17.06
N GLU A 50 11.14 1.40 17.50
CA GLU A 50 12.38 1.58 16.75
C GLU A 50 12.35 0.93 15.37
N ASP A 51 11.53 -0.10 15.21
CA ASP A 51 11.43 -0.81 13.94
C ASP A 51 10.39 -0.19 12.98
N SER A 52 9.89 1.01 13.28
CA SER A 52 8.84 1.62 12.47
C SER A 52 9.30 2.80 11.58
N LYS A 53 10.58 2.86 11.20
CA LYS A 53 11.05 3.95 10.31
C LYS A 53 10.73 3.55 8.86
N ASN A 54 9.77 4.25 8.25
CA ASN A 54 9.33 3.93 6.91
C ASN A 54 10.43 3.99 5.88
N ILE A 55 11.31 4.97 6.01
CA ILE A 55 12.48 5.10 5.14
C ILE A 55 13.68 4.50 5.86
N LYS A 56 14.21 3.43 5.26
CA LYS A 56 15.33 2.67 5.82
C LYS A 56 16.61 3.19 5.20
N ILE A 57 17.40 3.86 6.00
CA ILE A 57 18.67 4.44 5.56
C ILE A 57 19.80 3.72 6.30
N THR A 58 20.75 3.20 5.53
CA THR A 58 21.85 2.45 6.11
C THR A 58 23.14 2.89 5.40
N THR A 59 24.27 2.47 5.95
CA THR A 59 25.57 2.61 5.24
C THR A 59 26.17 1.25 4.94
N GLY A 60 26.77 1.14 3.76
CA GLY A 60 27.48 -0.10 3.37
C GLY A 60 28.96 0.14 3.24
N ASN A 61 29.56 -0.48 2.21
CA ASN A 61 30.96 -0.25 1.89
C ASN A 61 31.10 1.00 1.02
N ASN A 62 32.34 1.46 0.83
CA ASN A 62 32.69 2.48 -0.16
C ASN A 62 31.87 3.77 0.02
N ASN A 63 31.58 4.14 1.27
CA ASN A 63 30.82 5.34 1.55
C ASN A 63 29.44 5.36 0.86
N GLU A 64 28.83 4.17 0.68
CA GLU A 64 27.49 4.11 0.12
C GLU A 64 26.43 4.36 1.22
N VAL A 65 25.58 5.34 0.98
CA VAL A 65 24.41 5.58 1.82
C VAL A 65 23.24 4.99 1.05
N LYS A 66 22.63 3.95 1.63
CA LYS A 66 21.60 3.15 0.95
C LYS A 66 20.21 3.52 1.47
N PHE A 67 19.29 3.76 0.54
CA PHE A 67 17.90 4.16 0.84
C PHE A 67 16.95 3.10 0.34
N ASP A 68 16.02 2.69 1.20
CA ASP A 68 15.01 1.69 0.86
C ASP A 68 13.78 1.98 1.68
N LEU A 69 12.71 1.25 1.40
CA LEU A 69 11.56 1.20 2.30
C LEU A 69 11.78 0.13 3.34
N ASN A 70 11.28 0.39 4.52
CA ASN A 70 11.03 -0.65 5.52
C ASN A 70 10.25 -1.78 4.89
N ASP A 71 10.47 -3.01 5.34
CA ASP A 71 9.64 -4.14 4.94
C ASP A 71 8.15 -3.92 5.26
N ILE A 72 7.90 -3.19 6.34
CA ILE A 72 6.55 -2.80 6.79
C ILE A 72 6.49 -1.28 6.72
N ILE A 73 5.61 -0.74 5.88
CA ILE A 73 5.38 0.68 5.86
C ILE A 73 4.01 1.03 6.46
N ARG A 74 3.99 2.15 7.16
CA ARG A 74 2.83 2.65 7.91
C ARG A 74 2.45 4.01 7.34
N VAL A 75 1.25 4.06 6.74
CA VAL A 75 0.75 5.27 6.10
C VAL A 75 -0.72 5.44 6.48
N LYS A 76 -1.33 6.54 6.00
CA LYS A 76 -2.78 6.64 6.19
C LYS A 76 -3.52 6.32 4.91
N ARG A 77 -2.89 6.57 3.75
CA ARG A 77 -3.57 6.33 2.48
C ARG A 77 -2.58 5.89 1.41
N VAL A 78 -2.97 4.91 0.61
CA VAL A 78 -2.29 4.60 -0.66
C VAL A 78 -3.27 4.86 -1.80
N ILE A 79 -2.87 5.64 -2.81
CA ILE A 79 -3.70 5.91 -3.96
C ILE A 79 -2.99 5.31 -5.18
N ALA A 80 -3.64 4.36 -5.84
CA ALA A 80 -3.11 3.78 -7.08
C ALA A 80 -4.21 3.82 -8.10
N GLY A 81 -4.29 4.94 -8.83
CA GLY A 81 -5.42 5.19 -9.71
C GLY A 81 -6.71 5.22 -8.92
N LYS A 82 -7.71 4.45 -9.36
CA LYS A 82 -8.99 4.42 -8.66
C LYS A 82 -8.99 3.48 -7.47
N ALA A 83 -7.91 2.74 -7.24
CA ALA A 83 -7.79 1.87 -6.06
C ALA A 83 -7.18 2.62 -4.87
N ASN A 84 -7.88 2.56 -3.75
CA ASN A 84 -7.47 3.30 -2.54
C ASN A 84 -7.42 2.42 -1.30
N VAL A 85 -6.30 2.51 -0.60
CA VAL A 85 -6.17 1.90 0.73
C VAL A 85 -6.23 3.02 1.77
N SER A 86 -6.98 2.81 2.85
CA SER A 86 -7.09 3.82 3.90
C SER A 86 -7.42 3.14 5.19
N GLU A 87 -7.54 3.91 6.27
CA GLU A 87 -7.90 3.38 7.57
C GLU A 87 -9.27 2.72 7.58
N VAL A 88 -10.10 3.02 6.57
CA VAL A 88 -11.44 2.39 6.42
C VAL A 88 -11.40 1.09 5.62
N GLY A 89 -10.29 0.80 4.92
CA GLY A 89 -10.19 -0.41 4.16
C GLY A 89 -9.82 -0.16 2.70
N PHE A 90 -10.46 -0.90 1.82
CA PHE A 90 -10.08 -1.04 0.43
C PHE A 90 -11.23 -0.60 -0.48
N VAL A 91 -10.98 0.42 -1.29
CA VAL A 91 -12.07 1.07 -2.07
C VAL A 91 -11.64 1.21 -3.53
N ILE A 92 -12.53 0.79 -4.42
CA ILE A 92 -12.40 1.18 -5.82
C ILE A 92 -13.34 2.35 -6.04
N THR A 93 -12.80 3.48 -6.47
CA THR A 93 -13.63 4.62 -6.84
C THR A 93 -14.62 4.28 -7.93
N GLY A 94 -15.89 4.53 -7.65
CA GLY A 94 -16.95 4.12 -8.56
C GLY A 94 -17.21 2.63 -8.67
N GLY A 95 -16.71 1.85 -7.71
CA GLY A 95 -16.77 0.41 -7.81
C GLY A 95 -17.07 -0.24 -6.46
N PRO A 96 -16.72 -1.52 -6.32
CA PRO A 96 -16.91 -2.22 -5.05
C PRO A 96 -15.97 -1.72 -3.96
N ASN A 97 -16.29 -2.07 -2.72
CA ASN A 97 -15.38 -1.82 -1.61
C ASN A 97 -15.41 -2.93 -0.57
N MET A 98 -14.35 -3.00 0.21
CA MET A 98 -14.28 -3.87 1.35
C MET A 98 -13.76 -2.99 2.48
N THR A 99 -14.67 -2.52 3.32
CA THR A 99 -14.31 -1.56 4.39
C THR A 99 -14.84 -2.05 5.73
N VAL A 100 -14.55 -1.30 6.77
CA VAL A 100 -14.84 -1.75 8.12
C VAL A 100 -16.32 -2.08 8.28
N GLY A 101 -17.20 -1.26 7.65
CA GLY A 101 -18.63 -1.44 7.74
C GLY A 101 -19.21 -2.51 6.87
N GLY A 102 -18.36 -3.16 6.07
CA GLY A 102 -18.75 -4.30 5.27
C GLY A 102 -18.32 -4.20 3.83
N ILE A 103 -18.50 -5.30 3.12
CA ILE A 103 -18.30 -5.38 1.69
C ILE A 103 -19.49 -4.82 0.92
N ASN A 104 -19.21 -4.01 -0.09
CA ASN A 104 -20.17 -3.48 -1.06
C ASN A 104 -19.73 -3.99 -2.41
N ALA A 105 -20.58 -4.81 -3.03
CA ALA A 105 -20.24 -5.47 -4.26
C ALA A 105 -20.40 -4.55 -5.49
N GLY A 106 -20.86 -3.31 -5.26
CA GLY A 106 -20.84 -2.28 -6.31
C GLY A 106 -21.92 -2.39 -7.37
N ASN A 107 -23.03 -3.02 -7.03
CA ASN A 107 -24.09 -3.39 -7.97
C ASN A 107 -23.61 -4.20 -9.14
N LYS A 108 -22.71 -5.13 -8.81
CA LYS A 108 -22.13 -6.08 -9.73
C LYS A 108 -22.31 -7.45 -9.11
N LYS A 109 -22.23 -8.49 -9.93
CA LYS A 109 -22.28 -9.84 -9.40
C LYS A 109 -21.02 -10.15 -8.62
N ILE A 110 -21.15 -11.06 -7.67
CA ILE A 110 -19.97 -11.67 -7.07
C ILE A 110 -19.82 -13.05 -7.70
N THR A 111 -18.66 -13.29 -8.29
CA THR A 111 -18.41 -14.53 -9.03
C THR A 111 -17.40 -15.42 -8.30
N GLY A 112 -17.27 -16.66 -8.75
CA GLY A 112 -16.29 -17.61 -8.21
C GLY A 112 -16.51 -17.99 -6.76
N VAL A 113 -17.78 -18.11 -6.34
CA VAL A 113 -18.14 -18.46 -4.97
C VAL A 113 -18.34 -19.96 -4.83
N ALA A 114 -17.51 -20.58 -3.99
CA ALA A 114 -17.68 -21.99 -3.71
C ALA A 114 -18.91 -22.20 -2.83
N ASN A 115 -19.50 -23.39 -2.90
CA ASN A 115 -20.68 -23.71 -2.12
C ASN A 115 -20.50 -23.36 -0.65
N GLY A 116 -21.44 -22.60 -0.09
CA GLY A 116 -21.44 -22.31 1.34
C GLY A 116 -21.77 -23.56 2.13
N ILE A 117 -21.16 -23.72 3.30
CA ILE A 117 -21.35 -24.89 4.17
C ILE A 117 -21.85 -24.49 5.56
N ARG A 118 -21.14 -23.60 6.23
CA ARG A 118 -21.52 -23.10 7.57
C ARG A 118 -22.69 -22.12 7.44
N GLU A 119 -23.39 -21.93 8.55
CA GLU A 119 -24.60 -21.09 8.54
C GLU A 119 -24.36 -19.67 8.07
N ASN A 120 -23.15 -19.14 8.32
CA ASN A 120 -22.80 -17.78 7.88
CA ASN A 120 -22.83 -17.78 7.88
C ASN A 120 -21.93 -17.73 6.63
N ASP A 121 -21.95 -18.79 5.83
CA ASP A 121 -21.34 -18.76 4.49
C ASP A 121 -22.31 -18.24 3.43
N ALA A 122 -21.80 -17.50 2.45
CA ALA A 122 -22.62 -17.10 1.32
C ALA A 122 -23.09 -18.33 0.55
N VAL A 123 -24.22 -18.20 -0.13
CA VAL A 123 -24.68 -19.27 -1.03
C VAL A 123 -24.56 -18.84 -2.49
N ASN A 124 -24.42 -19.83 -3.36
CA ASN A 124 -24.38 -19.55 -4.77
C ASN A 124 -25.66 -20.03 -5.48
N VAL A 125 -25.76 -19.66 -6.73
CA VAL A 125 -26.88 -19.98 -7.57
C VAL A 125 -27.09 -21.49 -7.64
N SER A 126 -26.00 -22.27 -7.69
CA SER A 126 -26.16 -23.75 -7.72
C SER A 126 -26.94 -24.25 -6.50
N GLN A 127 -26.71 -23.61 -5.36
CA GLN A 127 -27.38 -23.99 -4.15
C GLN A 127 -28.84 -23.55 -4.17
N LEU A 128 -29.12 -22.36 -4.71
CA LEU A 128 -30.50 -21.88 -4.89
C LEU A 128 -31.25 -22.82 -5.82
N ASN A 129 -30.58 -23.26 -6.90
CA ASN A 129 -31.16 -24.26 -7.80
C ASN A 129 -31.39 -25.64 -7.12
N GLU A 130 -30.48 -26.06 -6.24
CA GLU A 130 -30.71 -27.29 -5.46
C GLU A 130 -31.99 -27.19 -4.65
N LEU A 131 -32.18 -26.05 -3.98
CA LEU A 131 -33.42 -25.81 -3.21
C LEU A 131 -34.67 -25.85 -4.09
N LYS A 132 -34.60 -25.19 -5.26
CA LYS A 132 -35.74 -25.24 -6.19
C LYS A 132 -36.11 -26.68 -6.54
N ASN A 133 -35.11 -27.54 -6.67
CA ASN A 133 -35.39 -28.96 -6.92
C ASN A 133 -36.01 -29.67 -5.73
N GLN A 134 -35.71 -29.22 -4.52
CA GLN A 134 -36.17 -29.88 -3.28
C GLN A 134 -37.56 -29.42 -2.82
N ILE A 135 -37.80 -28.12 -2.84
CA ILE A 135 -39.09 -27.55 -2.40
C ILE A 135 -40.03 -27.44 -3.59
N ALA A 136 -41.13 -28.19 -3.55
CA ALA A 136 -42.02 -28.37 -4.71
C ALA A 136 -41.22 -28.85 -5.91
N ALA B 19 37.29 20.04 -2.29
CA ALA B 19 35.97 19.50 -2.79
C ALA B 19 35.78 18.01 -2.59
N TRP B 20 34.51 17.63 -2.41
CA TRP B 20 34.13 16.23 -2.32
C TRP B 20 33.13 15.97 -3.43
N LYS B 21 32.80 14.70 -3.66
CA LYS B 21 31.97 14.32 -4.81
C LYS B 21 30.74 13.57 -4.35
N LEU B 22 29.59 13.88 -4.95
CA LEU B 22 28.33 13.20 -4.60
C LEU B 22 27.83 12.44 -5.81
N VAL B 23 27.76 11.10 -5.71
CA VAL B 23 27.31 10.27 -6.81
C VAL B 23 25.94 9.70 -6.45
N VAL B 24 24.96 9.92 -7.32
CA VAL B 24 23.61 9.38 -7.14
C VAL B 24 23.46 8.20 -8.07
N ASN B 25 23.34 7.01 -7.48
CA ASN B 25 23.17 5.78 -8.24
C ASN B 25 24.28 5.67 -9.30
N ASP B 26 23.92 5.67 -10.59
CA ASP B 26 24.90 5.54 -11.69
C ASP B 26 25.27 6.83 -12.39
N GLU B 27 24.82 7.97 -11.87
CA GLU B 27 25.09 9.24 -12.54
C GLU B 27 26.53 9.71 -12.30
N ASN B 28 27.01 10.60 -13.16
CA ASN B 28 28.34 11.19 -12.96
C ASN B 28 28.38 12.00 -11.66
N PRO B 29 29.57 12.08 -11.03
CA PRO B 29 29.64 12.80 -9.76
C PRO B 29 29.28 14.27 -9.86
N ILE B 30 28.66 14.78 -8.80
CA ILE B 30 28.47 16.22 -8.60
C ILE B 30 29.64 16.69 -7.74
N ASP B 31 30.38 17.67 -8.24
CA ASP B 31 31.52 18.23 -7.51
C ASP B 31 30.99 19.23 -6.49
N VAL B 32 31.32 19.04 -5.22
CA VAL B 32 30.85 19.94 -4.16
C VAL B 32 32.04 20.75 -3.65
N ASN B 33 32.17 21.94 -4.21
CA ASN B 33 33.29 22.85 -3.89
C ASN B 33 33.00 23.72 -2.66
N ALA B 34 34.01 24.45 -2.19
CA ALA B 34 33.77 25.46 -1.15
C ALA B 34 32.73 26.45 -1.69
N GLY B 35 31.74 26.76 -0.87
CA GLY B 35 30.66 27.67 -1.24
C GLY B 35 29.52 27.05 -2.05
N SER B 36 29.65 25.78 -2.45
CA SER B 36 28.60 25.13 -3.22
C SER B 36 27.38 24.83 -2.34
N THR B 37 26.22 24.79 -3.00
CA THR B 37 24.96 24.39 -2.40
C THR B 37 24.49 23.06 -2.99
N VAL B 38 24.21 22.12 -2.11
CA VAL B 38 23.54 20.87 -2.46
C VAL B 38 22.07 21.00 -2.04
N LYS B 39 21.15 20.70 -2.95
CA LYS B 39 19.73 20.72 -2.65
C LYS B 39 19.15 19.32 -2.66
N PHE B 40 18.37 19.01 -1.64
CA PHE B 40 17.52 17.82 -1.62
C PHE B 40 16.07 18.26 -1.86
N VAL B 41 15.38 17.55 -2.75
CA VAL B 41 14.02 17.89 -3.11
C VAL B 41 13.15 16.64 -3.05
N GLY B 42 12.02 16.70 -2.34
CA GLY B 42 10.97 15.70 -2.50
C GLY B 42 10.16 16.03 -3.73
N VAL B 43 10.11 15.10 -4.69
CA VAL B 43 9.37 15.30 -5.93
C VAL B 43 7.85 15.33 -5.66
N LYS B 44 7.16 16.33 -6.24
CA LYS B 44 5.70 16.40 -6.12
C LYS B 44 5.03 15.43 -7.06
N ALA B 45 4.16 14.57 -6.55
CA ALA B 45 3.40 13.65 -7.43
C ALA B 45 2.40 14.42 -8.27
N GLU B 46 1.86 15.50 -7.71
CA GLU B 46 0.91 16.35 -8.39
C GLU B 46 1.47 17.76 -8.38
N GLU B 47 1.61 18.36 -9.55
CA GLU B 47 2.46 19.54 -9.76
C GLU B 47 2.12 20.80 -8.96
N GLY B 48 0.84 21.04 -8.70
CA GLY B 48 0.48 22.26 -7.94
C GLY B 48 0.42 22.08 -6.42
N ASN B 49 0.61 20.86 -5.96
CA ASN B 49 0.22 20.44 -4.62
C ASN B 49 1.46 20.17 -3.77
N GLU B 50 1.78 21.09 -2.86
CA GLU B 50 2.97 20.95 -2.02
C GLU B 50 2.84 19.82 -0.98
N ASP B 51 1.62 19.34 -0.76
CA ASP B 51 1.36 18.18 0.09
C ASP B 51 1.42 16.83 -0.67
N SER B 52 1.91 16.84 -1.91
CA SER B 52 1.89 15.65 -2.77
C SER B 52 3.28 14.98 -2.90
N LYS B 53 4.23 15.35 -2.07
CA LYS B 53 5.59 14.72 -2.12
C LYS B 53 5.61 13.38 -1.43
N ASN B 54 5.81 12.29 -2.17
CA ASN B 54 5.77 10.97 -1.57
C ASN B 54 6.84 10.78 -0.48
N ILE B 55 8.02 11.32 -0.73
CA ILE B 55 9.14 11.29 0.25
C ILE B 55 9.16 12.63 0.96
N LYS B 56 8.96 12.59 2.26
CA LYS B 56 8.85 13.78 3.11
C LYS B 56 10.19 14.00 3.79
N ILE B 57 10.88 15.05 3.37
CA ILE B 57 12.21 15.37 3.87
C ILE B 57 12.07 16.69 4.61
N THR B 58 12.42 16.66 5.87
CA THR B 58 12.33 17.82 6.74
C THR B 58 13.68 17.94 7.48
N THR B 59 13.76 18.93 8.37
CA THR B 59 14.96 19.12 9.18
C THR B 59 14.57 19.25 10.64
N GLY B 60 15.54 18.90 11.50
CA GLY B 60 15.35 18.98 12.96
C GLY B 60 16.01 20.18 13.62
N ASN B 61 15.82 20.36 14.93
CA ASN B 61 16.37 21.51 15.64
C ASN B 61 17.90 21.55 15.65
N ASN B 62 18.55 20.40 15.46
CA ASN B 62 20.00 20.32 15.41
CA ASN B 62 20.00 20.35 15.41
C ASN B 62 20.49 20.11 13.98
N ASN B 63 19.68 20.56 13.04
CA ASN B 63 19.99 20.49 11.62
C ASN B 63 20.00 19.07 11.03
N GLU B 64 19.41 18.09 11.74
CA GLU B 64 19.31 16.70 11.24
C GLU B 64 18.45 16.74 9.97
N VAL B 65 18.76 15.89 9.00
CA VAL B 65 17.95 15.76 7.81
C VAL B 65 17.10 14.53 8.03
N LYS B 66 15.78 14.72 8.05
CA LYS B 66 14.83 13.70 8.40
C LYS B 66 14.05 13.20 7.19
N PHE B 67 13.95 11.88 7.06
CA PHE B 67 13.27 11.24 5.94
C PHE B 67 12.11 10.38 6.41
N ASP B 68 10.96 10.56 5.78
CA ASP B 68 9.78 9.77 6.06
C ASP B 68 8.97 9.65 4.76
N LEU B 69 7.88 8.89 4.83
CA LEU B 69 6.84 8.88 3.80
C LEU B 69 5.76 9.90 4.13
N ASN B 70 5.19 10.49 3.11
CA ASN B 70 3.91 11.19 3.22
C ASN B 70 2.86 10.24 3.82
N ASP B 71 1.97 10.80 4.64
CA ASP B 71 0.79 10.07 5.12
C ASP B 71 -0.05 9.52 3.93
N ILE B 72 -0.04 10.24 2.81
CA ILE B 72 -0.74 9.81 1.58
C ILE B 72 0.32 9.55 0.53
N ILE B 73 0.44 8.31 0.08
CA ILE B 73 1.36 7.97 -1.01
C ILE B 73 0.62 7.62 -2.28
N ARG B 74 1.19 8.05 -3.41
CA ARG B 74 0.61 7.90 -4.74
C ARG B 74 1.58 7.07 -5.57
N VAL B 75 1.14 5.92 -6.01
CA VAL B 75 1.97 5.00 -6.79
C VAL B 75 1.11 4.43 -7.92
N LYS B 76 1.76 3.68 -8.81
CA LYS B 76 0.99 2.87 -9.76
C LYS B 76 0.68 1.48 -9.24
N ARG B 77 1.58 0.90 -8.46
CA ARG B 77 1.35 -0.47 -7.96
C ARG B 77 2.06 -0.72 -6.66
N VAL B 78 1.40 -1.43 -5.76
CA VAL B 78 2.00 -1.98 -4.57
C VAL B 78 1.99 -3.50 -4.72
N ILE B 79 3.13 -4.13 -4.51
CA ILE B 79 3.26 -5.62 -4.55
C ILE B 79 3.73 -6.11 -3.18
N ALA B 80 2.93 -7.01 -2.57
CA ALA B 80 3.34 -7.71 -1.36
C ALA B 80 3.12 -9.19 -1.60
N GLY B 81 4.13 -9.88 -2.07
CA GLY B 81 3.96 -11.26 -2.50
C GLY B 81 2.93 -11.37 -3.63
N LYS B 82 1.90 -12.20 -3.43
CA LYS B 82 0.86 -12.38 -4.41
C LYS B 82 -0.18 -11.26 -4.40
N ALA B 83 -0.17 -10.43 -3.36
CA ALA B 83 -1.14 -9.34 -3.25
C ALA B 83 -0.69 -8.11 -4.02
N ASN B 84 -1.57 -7.63 -4.89
CA ASN B 84 -1.32 -6.46 -5.75
C ASN B 84 -2.42 -5.42 -5.60
N VAL B 85 -1.99 -4.18 -5.44
CA VAL B 85 -2.87 -3.02 -5.51
C VAL B 85 -2.44 -2.24 -6.73
N SER B 86 -3.38 -1.95 -7.62
CA SER B 86 -3.05 -1.15 -8.78
C SER B 86 -4.31 -0.51 -9.32
N GLU B 87 -4.16 0.16 -10.44
CA GLU B 87 -5.24 0.87 -11.06
CA GLU B 87 -5.25 0.83 -11.13
C GLU B 87 -6.44 -0.09 -11.38
N VAL B 88 -6.18 -1.38 -11.61
CA VAL B 88 -7.27 -2.33 -11.87
C VAL B 88 -8.02 -2.74 -10.61
N GLY B 89 -7.37 -2.61 -9.44
CA GLY B 89 -7.97 -2.95 -8.18
C GLY B 89 -7.06 -3.75 -7.27
N PHE B 90 -7.69 -4.65 -6.54
CA PHE B 90 -7.06 -5.42 -5.48
C PHE B 90 -7.03 -6.86 -5.94
N VAL B 91 -5.84 -7.38 -6.25
CA VAL B 91 -5.73 -8.69 -6.87
C VAL B 91 -4.79 -9.62 -6.09
N ILE B 92 -5.27 -10.83 -5.79
CA ILE B 92 -4.39 -11.85 -5.27
C ILE B 92 -4.12 -12.82 -6.41
N THR B 93 -2.85 -12.91 -6.84
CA THR B 93 -2.49 -13.78 -7.94
C THR B 93 -2.96 -15.19 -7.65
N GLY B 94 -3.75 -15.74 -8.57
CA GLY B 94 -4.31 -17.07 -8.42
C GLY B 94 -5.41 -17.18 -7.37
N GLY B 95 -5.92 -16.06 -6.88
CA GLY B 95 -6.86 -16.06 -5.77
C GLY B 95 -7.98 -15.07 -6.01
N PRO B 96 -8.65 -14.65 -4.92
CA PRO B 96 -9.72 -13.66 -5.06
C PRO B 96 -9.25 -12.32 -5.61
N ASN B 97 -10.20 -11.53 -6.10
CA ASN B 97 -9.89 -10.16 -6.48
C ASN B 97 -11.12 -9.25 -6.38
N MET B 98 -10.87 -7.94 -6.37
CA MET B 98 -11.90 -6.91 -6.42
C MET B 98 -11.46 -5.88 -7.44
N THR B 99 -12.23 -5.75 -8.51
CA THR B 99 -11.93 -4.79 -9.59
C THR B 99 -13.18 -3.96 -9.91
N VAL B 100 -13.11 -3.06 -10.91
CA VAL B 100 -14.27 -2.24 -11.26
C VAL B 100 -15.45 -3.07 -11.73
N GLY B 101 -15.15 -4.22 -12.33
CA GLY B 101 -16.18 -5.16 -12.74
C GLY B 101 -16.77 -6.05 -11.65
N GLY B 102 -16.22 -5.96 -10.43
CA GLY B 102 -16.82 -6.60 -9.29
C GLY B 102 -15.84 -7.49 -8.52
N ILE B 103 -16.42 -8.33 -7.68
CA ILE B 103 -15.67 -9.23 -6.79
C ILE B 103 -15.67 -10.67 -7.30
N ASN B 104 -14.47 -11.26 -7.36
CA ASN B 104 -14.32 -12.68 -7.61
C ASN B 104 -13.77 -13.35 -6.36
N ALA B 105 -14.48 -14.39 -5.89
CA ALA B 105 -14.20 -15.03 -4.61
C ALA B 105 -13.14 -16.14 -4.72
N GLY B 106 -12.58 -16.30 -5.91
CA GLY B 106 -11.47 -17.22 -6.17
C GLY B 106 -11.77 -18.70 -6.05
N ASN B 107 -13.01 -19.09 -6.30
CA ASN B 107 -13.46 -20.47 -6.13
C ASN B 107 -13.29 -21.00 -4.69
N LYS B 108 -13.47 -20.10 -3.74
CA LYS B 108 -13.39 -20.35 -2.32
C LYS B 108 -14.71 -19.89 -1.70
N LYS B 109 -14.99 -20.32 -0.48
CA LYS B 109 -16.19 -19.90 0.22
C LYS B 109 -16.08 -18.44 0.63
N ILE B 110 -17.22 -17.79 0.79
CA ILE B 110 -17.29 -16.50 1.45
C ILE B 110 -17.88 -16.77 2.81
N THR B 111 -17.16 -16.41 3.87
CA THR B 111 -17.63 -16.69 5.20
C THR B 111 -17.91 -15.42 6.00
N GLY B 112 -18.47 -15.57 7.18
CA GLY B 112 -18.69 -14.41 8.03
C GLY B 112 -19.72 -13.45 7.51
N VAL B 113 -20.74 -13.99 6.84
CA VAL B 113 -21.80 -13.21 6.22
C VAL B 113 -23.03 -13.09 7.13
N ALA B 114 -23.33 -11.88 7.59
CA ALA B 114 -24.54 -11.63 8.35
C ALA B 114 -25.76 -11.73 7.44
N ASN B 115 -26.89 -12.13 8.01
CA ASN B 115 -28.12 -12.29 7.22
C ASN B 115 -28.43 -11.05 6.39
N GLY B 116 -28.65 -11.23 5.11
CA GLY B 116 -29.10 -10.13 4.26
C GLY B 116 -30.49 -9.63 4.60
N ILE B 117 -30.70 -8.33 4.41
CA ILE B 117 -32.00 -7.70 4.67
C ILE B 117 -32.60 -7.02 3.42
N ARG B 118 -31.86 -6.10 2.80
CA ARG B 118 -32.32 -5.41 1.60
C ARG B 118 -32.24 -6.31 0.37
N GLU B 119 -32.95 -5.95 -0.70
CA GLU B 119 -33.03 -6.79 -1.91
C GLU B 119 -31.68 -7.16 -2.51
N ASN B 120 -30.69 -6.26 -2.43
CA ASN B 120 -29.38 -6.53 -3.00
CA ASN B 120 -29.38 -6.51 -3.00
C ASN B 120 -28.33 -6.90 -1.95
N ASP B 121 -28.77 -7.34 -0.79
CA ASP B 121 -27.86 -7.94 0.19
C ASP B 121 -27.63 -9.42 -0.17
N ALA B 122 -26.43 -9.92 0.09
CA ALA B 122 -26.18 -11.34 -0.06
C ALA B 122 -26.97 -12.15 0.97
N VAL B 123 -27.36 -13.38 0.63
CA VAL B 123 -27.93 -14.29 1.60
C VAL B 123 -26.93 -15.38 1.96
N ASN B 124 -27.10 -15.89 3.17
CA ASN B 124 -26.25 -16.96 3.66
C ASN B 124 -27.00 -18.29 3.76
N VAL B 125 -26.24 -19.31 4.11
CA VAL B 125 -26.76 -20.68 4.27
C VAL B 125 -27.94 -20.74 5.25
N SER B 126 -27.84 -20.04 6.38
CA SER B 126 -28.96 -20.05 7.35
C SER B 126 -30.26 -19.56 6.72
N GLN B 127 -30.17 -18.56 5.85
CA GLN B 127 -31.36 -18.01 5.18
C GLN B 127 -31.94 -18.99 4.15
N LEU B 128 -31.07 -19.67 3.43
CA LEU B 128 -31.54 -20.70 2.50
C LEU B 128 -32.26 -21.82 3.28
N ASN B 129 -31.65 -22.26 4.38
CA ASN B 129 -32.24 -23.26 5.27
C ASN B 129 -33.58 -22.84 5.88
N GLU B 130 -33.72 -21.55 6.21
CA GLU B 130 -35.01 -21.08 6.75
C GLU B 130 -36.10 -21.32 5.70
N LEU B 131 -35.82 -20.94 4.46
CA LEU B 131 -36.78 -21.05 3.38
C LEU B 131 -37.09 -22.53 3.16
N LYS B 132 -36.05 -23.35 3.17
CA LYS B 132 -36.16 -24.79 3.01
C LYS B 132 -37.08 -25.46 4.04
N ASN B 133 -37.24 -24.85 5.21
CA ASN B 133 -38.15 -25.39 6.21
C ASN B 133 -39.55 -24.75 6.17
N GLN B 134 -39.68 -23.63 5.47
CA GLN B 134 -40.98 -23.10 5.08
C GLN B 134 -41.15 -23.21 3.55
N ALA C 19 37.84 17.83 6.92
CA ALA C 19 36.71 16.89 6.58
C ALA C 19 35.41 17.14 7.37
N TRP C 20 34.29 16.69 6.82
CA TRP C 20 33.03 16.66 7.55
C TRP C 20 32.60 15.21 7.67
N LYS C 21 31.69 14.93 8.60
CA LYS C 21 31.25 13.56 8.91
C LYS C 21 29.78 13.39 8.60
N LEU C 22 29.42 12.18 8.14
CA LEU C 22 28.04 11.82 7.88
C LEU C 22 27.62 10.70 8.83
N VAL C 23 26.61 10.97 9.66
CA VAL C 23 26.09 9.98 10.61
C VAL C 23 24.68 9.62 10.15
N VAL C 24 24.49 8.36 9.78
CA VAL C 24 23.19 7.88 9.37
C VAL C 24 22.60 7.10 10.56
N ASN C 25 21.45 7.54 11.07
CA ASN C 25 20.82 6.94 12.23
C ASN C 25 21.84 6.67 13.36
N ASP C 26 21.98 5.43 13.81
CA ASP C 26 22.90 5.19 14.97
C ASP C 26 24.23 4.62 14.53
N GLU C 27 24.50 4.65 13.22
CA GLU C 27 25.69 3.99 12.69
C GLU C 27 26.94 4.78 12.97
N ASN C 28 28.09 4.13 12.76
CA ASN C 28 29.35 4.84 12.90
C ASN C 28 29.51 5.92 11.82
N PRO C 29 30.16 7.03 12.19
CA PRO C 29 30.35 8.09 11.23
C PRO C 29 31.19 7.70 10.00
N ILE C 30 30.83 8.29 8.86
CA ILE C 30 31.62 8.29 7.61
C ILE C 30 32.39 9.60 7.54
N ASP C 31 33.70 9.53 7.31
CA ASP C 31 34.51 10.73 7.19
C ASP C 31 34.63 11.15 5.73
N VAL C 32 34.29 12.40 5.43
CA VAL C 32 34.34 12.93 4.07
C VAL C 32 35.41 14.02 3.98
N ASN C 33 36.57 13.67 3.43
CA ASN C 33 37.66 14.62 3.20
C ASN C 33 37.58 15.21 1.80
N ALA C 34 38.42 16.20 1.53
CA ALA C 34 38.64 16.68 0.18
C ALA C 34 38.97 15.49 -0.73
N GLY C 35 38.30 15.39 -1.86
CA GLY C 35 38.56 14.31 -2.81
C GLY C 35 37.77 13.04 -2.54
N SER C 36 37.07 12.97 -1.41
CA SER C 36 36.20 11.81 -1.09
C SER C 36 34.96 11.81 -1.94
N THR C 37 34.40 10.62 -2.13
CA THR C 37 33.11 10.42 -2.77
C THR C 37 32.12 9.88 -1.76
N VAL C 38 30.90 10.42 -1.79
CA VAL C 38 29.76 9.84 -1.10
C VAL C 38 28.81 9.42 -2.19
N LYS C 39 28.27 8.20 -2.07
CA LYS C 39 27.33 7.70 -3.02
C LYS C 39 25.99 7.50 -2.33
N PHE C 40 24.91 7.99 -2.96
CA PHE C 40 23.55 7.68 -2.56
C PHE C 40 23.04 6.62 -3.51
N VAL C 41 22.52 5.52 -2.94
CA VAL C 41 22.03 4.44 -3.77
C VAL C 41 20.63 4.00 -3.34
N GLY C 42 19.78 3.77 -4.33
CA GLY C 42 18.53 3.05 -4.16
C GLY C 42 18.83 1.55 -4.10
N VAL C 43 18.26 0.88 -3.13
CA VAL C 43 18.42 -0.58 -3.00
C VAL C 43 17.39 -1.30 -3.88
N LYS C 44 17.81 -2.33 -4.61
CA LYS C 44 16.88 -3.10 -5.45
C LYS C 44 16.03 -4.02 -4.58
N ALA C 45 14.70 -3.97 -4.74
CA ALA C 45 13.80 -4.86 -3.99
C ALA C 45 13.97 -6.30 -4.43
N GLU C 46 14.28 -6.48 -5.71
CA GLU C 46 14.55 -7.81 -6.30
C GLU C 46 15.93 -7.82 -6.97
N GLU C 47 16.78 -8.78 -6.59
CA GLU C 47 18.20 -8.83 -7.01
C GLU C 47 18.40 -8.74 -8.52
N GLY C 48 17.49 -9.36 -9.27
CA GLY C 48 17.57 -9.40 -10.72
C GLY C 48 16.86 -8.28 -11.45
N ASN C 49 16.32 -7.30 -10.71
CA ASN C 49 15.51 -6.24 -11.31
C ASN C 49 16.10 -4.84 -11.00
N GLU C 50 16.85 -4.25 -11.93
CA GLU C 50 17.43 -2.92 -11.68
C GLU C 50 16.34 -1.84 -11.65
N ASP C 51 15.14 -2.15 -12.14
CA ASP C 51 13.99 -1.21 -11.97
C ASP C 51 13.12 -1.45 -10.74
N SER C 52 13.64 -2.19 -9.75
CA SER C 52 12.94 -2.45 -8.50
C SER C 52 13.42 -1.65 -7.29
N LYS C 53 14.08 -0.52 -7.50
CA LYS C 53 14.51 0.28 -6.37
C LYS C 53 13.32 1.09 -5.87
N ASN C 54 12.86 0.77 -4.66
CA ASN C 54 11.67 1.38 -4.09
C ASN C 54 11.82 2.90 -3.98
N ILE C 55 13.02 3.34 -3.60
CA ILE C 55 13.31 4.77 -3.45
C ILE C 55 14.05 5.18 -4.72
N LYS C 56 13.41 6.09 -5.45
CA LYS C 56 13.92 6.62 -6.70
C LYS C 56 14.67 7.90 -6.46
N ILE C 57 15.98 7.85 -6.67
CA ILE C 57 16.85 9.02 -6.49
C ILE C 57 17.44 9.39 -7.85
N THR C 58 17.18 10.62 -8.26
CA THR C 58 17.66 11.15 -9.51
C THR C 58 18.21 12.56 -9.28
N THR C 59 18.70 13.19 -10.35
CA THR C 59 19.21 14.56 -10.26
C THR C 59 18.50 15.48 -11.26
N GLY C 60 18.36 16.75 -10.91
CA GLY C 60 17.66 17.73 -11.75
C GLY C 60 18.62 18.53 -12.59
N ASN C 61 18.07 19.45 -13.39
CA ASN C 61 18.90 20.15 -14.38
C ASN C 61 19.83 21.20 -13.77
N ASN C 62 19.76 21.40 -12.46
CA ASN C 62 20.78 22.15 -11.71
C ASN C 62 21.40 21.29 -10.60
N ASN C 63 21.43 19.96 -10.85
CA ASN C 63 21.98 18.97 -9.93
C ASN C 63 21.30 18.84 -8.56
N GLU C 64 20.06 19.30 -8.43
CA GLU C 64 19.22 18.97 -7.28
C GLU C 64 19.17 17.44 -7.13
N VAL C 65 19.20 16.94 -5.89
CA VAL C 65 19.02 15.51 -5.62
C VAL C 65 17.54 15.28 -5.30
N LYS C 66 16.88 14.57 -6.20
CA LYS C 66 15.44 14.39 -6.17
C LYS C 66 15.09 13.01 -5.63
N PHE C 67 14.22 12.97 -4.63
CA PHE C 67 13.77 11.72 -4.03
C PHE C 67 12.27 11.51 -4.30
N ASP C 68 11.92 10.29 -4.73
CA ASP C 68 10.53 9.92 -4.96
C ASP C 68 10.39 8.44 -4.66
N LEU C 69 9.16 7.93 -4.75
CA LEU C 69 8.92 6.49 -4.83
C LEU C 69 8.92 6.03 -6.27
N ASN C 70 9.41 4.81 -6.47
CA ASN C 70 9.14 4.07 -7.69
C ASN C 70 7.65 4.02 -7.95
N ASP C 71 7.26 4.02 -9.23
CA ASP C 71 5.85 3.79 -9.58
C ASP C 71 5.36 2.43 -9.05
N ILE C 72 6.28 1.47 -8.94
CA ILE C 72 5.98 0.14 -8.43
C ILE C 72 6.82 -0.10 -7.16
N ILE C 73 6.14 -0.28 -6.02
CA ILE C 73 6.82 -0.53 -4.76
C ILE C 73 6.53 -1.94 -4.31
N ARG C 74 7.58 -2.55 -3.78
CA ARG C 74 7.55 -3.94 -3.33
C ARG C 74 7.90 -3.96 -1.86
N VAL C 75 6.96 -4.41 -1.03
CA VAL C 75 7.17 -4.46 0.41
C VAL C 75 6.58 -5.78 0.95
N LYS C 76 6.77 -6.03 2.24
CA LYS C 76 6.14 -7.18 2.89
C LYS C 76 4.74 -6.81 3.41
N ARG C 77 4.57 -5.57 3.85
CA ARG C 77 3.31 -5.14 4.48
C ARG C 77 3.10 -3.63 4.36
N VAL C 78 1.86 -3.24 4.05
CA VAL C 78 1.37 -1.88 4.25
C VAL C 78 0.32 -1.88 5.34
N ILE C 79 0.51 -1.02 6.33
CA ILE C 79 -0.46 -0.84 7.43
C ILE C 79 -1.05 0.55 7.32
N ALA C 80 -2.37 0.64 7.17
CA ALA C 80 -3.11 1.92 7.28
C ALA C 80 -4.23 1.74 8.28
N GLY C 81 -3.96 2.16 9.52
CA GLY C 81 -4.85 1.82 10.63
C GLY C 81 -5.09 0.33 10.74
N LYS C 82 -6.35 -0.08 10.72
CA LYS C 82 -6.68 -1.52 10.73
C LYS C 82 -6.50 -2.22 9.40
N ALA C 83 -6.36 -1.46 8.30
CA ALA C 83 -6.21 -2.06 6.98
C ALA C 83 -4.76 -2.51 6.74
N ASN C 84 -4.62 -3.76 6.30
CA ASN C 84 -3.31 -4.37 6.00
C ASN C 84 -3.26 -4.97 4.61
N VAL C 85 -2.20 -4.67 3.90
CA VAL C 85 -1.83 -5.36 2.67
C VAL C 85 -0.60 -6.17 3.02
N SER C 86 -0.64 -7.46 2.79
CA SER C 86 0.53 -8.32 3.01
C SER C 86 0.52 -9.52 2.09
N GLU C 87 1.46 -10.44 2.30
CA GLU C 87 1.54 -11.63 1.46
C GLU C 87 0.28 -12.52 1.54
N VAL C 88 -0.50 -12.39 2.60
CA VAL C 88 -1.72 -13.18 2.71
C VAL C 88 -2.92 -12.56 2.00
N GLY C 89 -2.83 -11.27 1.69
CA GLY C 89 -3.92 -10.53 1.07
C GLY C 89 -4.26 -9.24 1.78
N PHE C 90 -5.56 -8.95 1.80
CA PHE C 90 -6.09 -7.64 2.17
C PHE C 90 -6.93 -7.86 3.39
N VAL C 91 -6.46 -7.39 4.53
CA VAL C 91 -7.07 -7.72 5.83
C VAL C 91 -7.41 -6.46 6.59
N ILE C 92 -8.66 -6.35 7.05
CA ILE C 92 -9.04 -5.36 8.06
C ILE C 92 -9.05 -6.07 9.40
N THR C 93 -8.18 -5.64 10.30
CA THR C 93 -8.04 -6.33 11.59
C THR C 93 -9.37 -6.29 12.30
N GLY C 94 -9.87 -7.46 12.68
CA GLY C 94 -11.18 -7.60 13.33
C GLY C 94 -12.43 -7.43 12.46
N GLY C 95 -12.24 -7.32 11.15
CA GLY C 95 -13.26 -7.01 10.15
C GLY C 95 -13.15 -7.90 8.92
N PRO C 96 -13.66 -7.43 7.77
CA PRO C 96 -13.61 -8.19 6.54
C PRO C 96 -12.17 -8.43 6.04
N ASN C 97 -12.01 -9.47 5.23
CA ASN C 97 -10.74 -9.71 4.57
C ASN C 97 -10.95 -10.43 3.24
N MET C 98 -9.91 -10.39 2.44
CA MET C 98 -9.84 -11.10 1.15
C MET C 98 -8.43 -11.64 1.11
N THR C 99 -8.31 -12.94 1.29
CA THR C 99 -7.01 -13.61 1.39
C THR C 99 -6.89 -14.78 0.42
N VAL C 100 -5.69 -15.37 0.38
CA VAL C 100 -5.49 -16.59 -0.36
C VAL C 100 -6.52 -17.67 -0.03
N GLY C 101 -7.08 -17.66 1.18
CA GLY C 101 -8.08 -18.67 1.58
C GLY C 101 -9.54 -18.29 1.29
N GLY C 102 -9.74 -17.11 0.73
CA GLY C 102 -11.08 -16.64 0.37
C GLY C 102 -11.44 -15.34 1.05
N ILE C 103 -12.74 -15.04 1.09
CA ILE C 103 -13.27 -13.78 1.65
C ILE C 103 -14.06 -14.03 2.95
N ASN C 104 -13.82 -13.14 3.90
CA ASN C 104 -14.59 -13.06 5.12
C ASN C 104 -15.28 -11.71 5.14
N ALA C 105 -16.59 -11.75 5.37
CA ALA C 105 -17.41 -10.56 5.33
C ALA C 105 -17.46 -9.77 6.64
N GLY C 106 -16.66 -10.19 7.63
CA GLY C 106 -16.51 -9.43 8.87
C GLY C 106 -17.70 -9.51 9.82
N ASN C 107 -18.52 -10.56 9.69
CA ASN C 107 -19.74 -10.72 10.48
C ASN C 107 -20.67 -9.55 10.27
N LYS C 108 -20.69 -9.08 9.03
CA LYS C 108 -21.56 -7.99 8.59
C LYS C 108 -22.23 -8.37 7.26
N LYS C 109 -23.22 -7.62 6.87
CA LYS C 109 -23.91 -7.87 5.61
C LYS C 109 -23.04 -7.51 4.42
N ILE C 110 -23.25 -8.20 3.31
CA ILE C 110 -22.66 -7.79 2.03
C ILE C 110 -23.78 -7.13 1.26
N THR C 111 -23.55 -5.89 0.85
CA THR C 111 -24.51 -5.08 0.11
C THR C 111 -24.11 -4.94 -1.35
N GLY C 112 -25.00 -4.36 -2.15
CA GLY C 112 -24.73 -4.05 -3.53
C GLY C 112 -24.49 -5.24 -4.45
N VAL C 113 -25.14 -6.37 -4.17
CA VAL C 113 -24.95 -7.58 -4.90
C VAL C 113 -25.96 -7.69 -6.04
N ALA C 114 -25.48 -7.64 -7.29
CA ALA C 114 -26.36 -7.87 -8.46
C ALA C 114 -26.79 -9.34 -8.50
N ASN C 115 -27.99 -9.61 -9.03
CA ASN C 115 -28.47 -10.99 -9.14
C ASN C 115 -27.44 -11.95 -9.70
N GLY C 116 -27.19 -13.05 -9.00
CA GLY C 116 -26.33 -14.11 -9.54
C GLY C 116 -26.97 -14.80 -10.74
N ILE C 117 -26.13 -15.21 -11.70
CA ILE C 117 -26.55 -15.84 -12.94
C ILE C 117 -25.97 -17.24 -13.08
N ARG C 118 -24.64 -17.29 -13.09
CA ARG C 118 -23.93 -18.55 -13.29
C ARG C 118 -23.89 -19.33 -11.96
N GLU C 119 -23.60 -20.64 -12.06
CA GLU C 119 -23.71 -21.54 -10.91
C GLU C 119 -22.92 -21.09 -9.70
N ASN C 120 -21.76 -20.46 -9.92
CA ASN C 120 -20.92 -19.99 -8.81
C ASN C 120 -21.02 -18.51 -8.51
N ASP C 121 -22.12 -17.88 -8.93
CA ASP C 121 -22.37 -16.48 -8.56
C ASP C 121 -23.12 -16.44 -7.27
N ALA C 122 -22.88 -15.41 -6.47
CA ALA C 122 -23.61 -15.20 -5.23
C ALA C 122 -25.06 -14.89 -5.49
N VAL C 123 -25.91 -15.19 -4.52
CA VAL C 123 -27.35 -14.94 -4.59
C VAL C 123 -27.72 -13.85 -3.60
N ASN C 124 -28.68 -13.00 -3.98
CA ASN C 124 -29.15 -11.96 -3.09
C ASN C 124 -30.56 -12.21 -2.52
N VAL C 125 -30.97 -11.33 -1.61
CA VAL C 125 -32.26 -11.46 -0.95
C VAL C 125 -33.42 -11.45 -1.98
N SER C 126 -33.30 -10.62 -3.01
CA SER C 126 -34.34 -10.52 -4.03
C SER C 126 -34.58 -11.87 -4.72
N GLN C 127 -33.50 -12.61 -4.95
CA GLN C 127 -33.63 -13.90 -5.65
C GLN C 127 -34.27 -14.95 -4.76
N LEU C 128 -33.98 -14.88 -3.47
CA LEU C 128 -34.61 -15.75 -2.49
C LEU C 128 -36.10 -15.42 -2.40
N ASN C 129 -36.43 -14.12 -2.36
CA ASN C 129 -37.84 -13.70 -2.36
C ASN C 129 -38.60 -14.08 -3.64
N GLU C 130 -37.94 -14.00 -4.80
CA GLU C 130 -38.54 -14.35 -6.09
C GLU C 130 -39.02 -15.79 -6.07
N LEU C 131 -38.20 -16.67 -5.51
CA LEU C 131 -38.59 -18.07 -5.35
C LEU C 131 -39.77 -18.19 -4.36
N LYS C 132 -39.65 -17.54 -3.21
CA LYS C 132 -40.72 -17.55 -2.19
C LYS C 132 -42.07 -17.15 -2.81
N ASN C 133 -42.06 -16.14 -3.68
CA ASN C 133 -43.29 -15.72 -4.37
C ASN C 133 -43.81 -16.69 -5.43
N GLN C 134 -42.91 -17.46 -6.03
CA GLN C 134 -43.31 -18.51 -6.96
C GLN C 134 -43.81 -19.78 -6.24
N ILE C 135 -43.17 -20.13 -5.12
CA ILE C 135 -43.46 -21.37 -4.39
C ILE C 135 -44.34 -21.09 -3.19
#